data_1IFU
#
_entry.id   1IFU
#
_cell.length_a   68.700
_cell.length_b   68.700
_cell.length_c   141.900
_cell.angle_alpha   90.00
_cell.angle_beta   90.00
_cell.angle_gamma   90.00
#
_symmetry.space_group_name_H-M   'P 41 21 2'
#
loop_
_entity.id
_entity.type
_entity.pdbx_description
1 polymer RICIN
2 non-polymer (1S)-1-(7-amino-1H-pyrazolo[4,3-d]pyrimidin-3-yl)-1,4-anhydro-D-ribitol
3 water water
#
_entity_poly.entity_id   1
_entity_poly.type   'polypeptide(L)'
_entity_poly.pdbx_seq_one_letter_code
;MVPKQYPIINFTTAGATVQSYTNFIRAVRGRLTTGADVRHEIPVLPNRVGLPINQRFILVELSNHAELSVTLALDVTNAY
VVGYRAGNSAYFFHPDNQEDAEAITHLFTDVQNRYTFAFGGNYDRLEQLAGNLRENIELGNGPLEEAISALYYYSTGGTQ
LPTLARSFIICIQMISEAARFQYIEGEMRTRIRYNRRSAPDPSVITLENSWGRLSTAIQESNQGAFASPIQLQRRNGSKF
SVYDVSILIPIIALMVYRCAPPP
;
_entity_poly.pdbx_strand_id   A
#
# COMPACT_ATOMS: atom_id res chain seq x y z
N TYR A 6 -14.17 6.18 10.68
CA TYR A 6 -13.07 5.20 10.42
C TYR A 6 -11.80 5.70 11.10
N PRO A 7 -10.94 4.79 11.59
CA PRO A 7 -9.68 5.13 12.27
C PRO A 7 -8.85 5.95 11.35
N ILE A 8 -8.19 6.96 11.91
CA ILE A 8 -7.31 7.83 11.16
C ILE A 8 -5.93 7.76 11.77
N ILE A 9 -4.93 7.63 10.91
CA ILE A 9 -3.53 7.58 11.30
C ILE A 9 -2.95 8.80 10.56
N ASN A 10 -2.13 9.57 11.24
CA ASN A 10 -1.53 10.74 10.66
C ASN A 10 -0.04 10.56 10.51
N PHE A 11 0.52 11.15 9.46
CA PHE A 11 1.97 11.13 9.20
C PHE A 11 2.29 12.45 8.51
N THR A 12 3.46 12.99 8.81
CA THR A 12 3.91 14.20 8.15
C THR A 12 5.33 13.98 7.65
N THR A 13 5.55 14.36 6.40
CA THR A 13 6.85 14.23 5.80
C THR A 13 7.76 15.32 6.34
N ALA A 14 7.17 16.38 6.90
CA ALA A 14 7.97 17.49 7.44
C ALA A 14 8.86 17.03 8.62
N GLY A 15 10.17 17.03 8.42
CA GLY A 15 11.05 16.59 9.49
C GLY A 15 10.92 15.12 9.91
N ALA A 16 10.50 14.25 8.99
CA ALA A 16 10.32 12.84 9.27
C ALA A 16 11.67 12.20 9.57
N THR A 17 11.64 11.08 10.30
CA THR A 17 12.85 10.32 10.65
C THR A 17 12.50 8.85 10.52
N VAL A 18 13.49 7.96 10.51
CA VAL A 18 13.19 6.52 10.41
C VAL A 18 12.27 6.15 11.58
N GLN A 19 12.46 6.79 12.72
CA GLN A 19 11.60 6.46 13.84
C GLN A 19 10.18 6.93 13.60
N SER A 20 9.97 8.18 13.21
CA SER A 20 8.60 8.63 12.98
C SER A 20 7.94 7.87 11.84
N TYR A 21 8.73 7.43 10.88
CA TYR A 21 8.22 6.66 9.75
C TYR A 21 7.91 5.23 10.22
N THR A 22 8.77 4.69 11.08
CA THR A 22 8.58 3.35 11.62
C THR A 22 7.30 3.31 12.47
N ASN A 23 7.14 4.28 13.36
CA ASN A 23 5.94 4.29 14.21
C ASN A 23 4.69 4.32 13.37
N PHE A 24 4.76 5.08 12.29
CA PHE A 24 3.65 5.23 11.36
C PHE A 24 3.24 3.90 10.76
N ILE A 25 4.19 3.22 10.11
CA ILE A 25 3.89 1.93 9.46
C ILE A 25 3.45 0.87 10.49
N ARG A 26 3.96 0.97 11.70
CA ARG A 26 3.60 0.07 12.77
C ARG A 26 2.13 0.32 13.16
N ALA A 27 1.72 1.58 13.21
CA ALA A 27 0.34 1.93 13.53
C ALA A 27 -0.63 1.50 12.46
N VAL A 28 -0.22 1.60 11.21
CA VAL A 28 -1.06 1.20 10.08
C VAL A 28 -1.34 -0.30 10.18
N ARG A 29 -0.28 -1.07 10.36
CA ARG A 29 -0.36 -2.54 10.49
C ARG A 29 -1.30 -2.91 11.61
N GLY A 30 -1.20 -2.20 12.73
CA GLY A 30 -2.04 -2.43 13.89
C GLY A 30 -3.51 -2.16 13.66
N ARG A 31 -3.79 -1.27 12.73
CA ARG A 31 -5.16 -0.93 12.41
C ARG A 31 -5.72 -1.86 11.36
N LEU A 32 -4.86 -2.35 10.49
CA LEU A 32 -5.24 -3.26 9.41
C LEU A 32 -5.67 -4.66 9.91
N THR A 33 -4.92 -5.15 10.89
CA THR A 33 -5.17 -6.47 11.43
C THR A 33 -5.79 -6.56 12.84
N THR A 34 -6.56 -7.62 13.05
CA THR A 34 -7.28 -7.88 14.30
C THR A 34 -6.55 -8.76 15.32
N GLY A 35 -5.51 -9.47 14.87
CA GLY A 35 -4.79 -10.33 15.78
C GLY A 35 -5.48 -11.68 15.91
N ALA A 36 -6.66 -11.78 15.30
CA ALA A 36 -7.45 -13.00 15.33
C ALA A 36 -6.93 -14.12 14.41
N ASP A 37 -6.09 -13.78 13.43
CA ASP A 37 -5.59 -14.77 12.51
C ASP A 37 -4.11 -14.60 12.20
N VAL A 38 -3.31 -15.53 12.70
CA VAL A 38 -1.88 -15.54 12.48
C VAL A 38 -1.58 -16.94 11.96
N ARG A 39 -0.85 -16.99 10.85
CA ARG A 39 -0.53 -18.22 10.10
C ARG A 39 1.00 -18.27 9.95
N HIS A 40 1.67 -19.16 10.68
CA HIS A 40 3.13 -19.30 10.61
C HIS A 40 3.84 -18.04 11.03
N GLU A 41 3.27 -17.40 12.04
CA GLU A 41 3.73 -16.14 12.63
C GLU A 41 3.54 -14.88 11.81
N ILE A 42 2.74 -15.01 10.76
CA ILE A 42 2.44 -13.92 9.87
C ILE A 42 0.94 -13.67 9.92
N PRO A 43 0.54 -12.46 10.29
CA PRO A 43 -0.85 -12.03 10.39
C PRO A 43 -1.54 -12.05 9.02
N VAL A 44 -2.82 -12.37 9.03
CA VAL A 44 -3.61 -12.44 7.82
C VAL A 44 -4.60 -11.32 7.97
N LEU A 45 -4.89 -10.62 6.87
CA LEU A 45 -5.82 -9.51 6.88
C LEU A 45 -7.25 -10.06 6.99
N PRO A 46 -8.21 -9.25 7.44
CA PRO A 46 -9.59 -9.68 7.57
C PRO A 46 -10.10 -10.26 6.26
N ASN A 47 -11.10 -11.13 6.33
CA ASN A 47 -11.70 -11.74 5.13
C ASN A 47 -12.83 -10.81 4.70
N ARG A 48 -12.95 -10.59 3.41
CA ARG A 48 -13.97 -9.71 2.91
C ARG A 48 -15.38 -10.21 3.15
N VAL A 49 -15.58 -11.54 3.11
CA VAL A 49 -16.91 -12.09 3.32
C VAL A 49 -17.33 -12.06 4.78
N GLY A 50 -18.35 -11.24 5.03
CA GLY A 50 -18.86 -11.08 6.38
C GLY A 50 -18.41 -9.79 7.04
N LEU A 51 -17.33 -9.20 6.55
CA LEU A 51 -16.81 -7.96 7.10
C LEU A 51 -17.80 -6.79 6.99
N PRO A 52 -18.21 -6.20 8.13
CA PRO A 52 -19.15 -5.08 8.14
C PRO A 52 -18.47 -3.84 7.60
N ILE A 53 -19.21 -2.97 6.91
CA ILE A 53 -18.62 -1.73 6.36
C ILE A 53 -18.07 -0.88 7.46
N ASN A 54 -18.59 -0.99 8.67
CA ASN A 54 -18.08 -0.13 9.72
C ASN A 54 -16.66 -0.45 10.11
N GLN A 55 -16.14 -1.54 9.56
CA GLN A 55 -14.80 -1.98 9.86
C GLN A 55 -14.05 -2.27 8.59
N ARG A 56 -14.51 -1.70 7.48
CA ARG A 56 -13.90 -1.93 6.16
C ARG A 56 -12.70 -1.03 5.77
N PHE A 57 -12.59 0.18 6.33
CA PHE A 57 -11.49 1.09 5.99
C PHE A 57 -10.78 1.77 7.16
N ILE A 58 -9.62 2.34 6.84
CA ILE A 58 -8.86 3.15 7.80
C ILE A 58 -8.35 4.26 6.90
N LEU A 59 -8.16 5.43 7.51
CA LEU A 59 -7.72 6.60 6.79
C LEU A 59 -6.35 7.01 7.25
N VAL A 60 -5.55 7.42 6.29
CA VAL A 60 -4.19 7.87 6.52
C VAL A 60 -4.14 9.34 6.05
N GLU A 61 -3.96 10.24 7.00
CA GLU A 61 -3.90 11.66 6.78
C GLU A 61 -2.44 12.05 6.62
N LEU A 62 -2.07 12.40 5.40
CA LEU A 62 -0.71 12.78 5.11
C LEU A 62 -0.59 14.27 5.00
N SER A 63 0.40 14.83 5.67
CA SER A 63 0.68 16.26 5.66
C SER A 63 2.14 16.49 5.28
N ASN A 64 2.43 17.61 4.66
CA ASN A 64 3.80 17.86 4.29
C ASN A 64 4.33 19.19 4.80
N HIS A 65 5.56 19.52 4.41
CA HIS A 65 6.17 20.75 4.83
C HIS A 65 5.51 22.02 4.28
N ALA A 66 4.78 21.89 3.17
CA ALA A 66 4.08 23.03 2.61
C ALA A 66 2.78 23.22 3.36
N GLU A 67 2.56 22.43 4.40
CA GLU A 67 1.35 22.49 5.21
C GLU A 67 0.10 22.07 4.44
N LEU A 68 0.28 21.17 3.47
CA LEU A 68 -0.84 20.65 2.70
C LEU A 68 -1.14 19.26 3.24
N SER A 69 -2.43 18.94 3.30
CA SER A 69 -2.91 17.67 3.78
C SER A 69 -3.77 16.98 2.74
N VAL A 70 -3.79 15.65 2.82
CA VAL A 70 -4.55 14.82 1.93
C VAL A 70 -4.84 13.54 2.76
N THR A 71 -6.01 12.94 2.59
CA THR A 71 -6.35 11.73 3.35
C THR A 71 -6.60 10.55 2.42
N LEU A 72 -5.75 9.53 2.49
CA LEU A 72 -5.91 8.32 1.67
C LEU A 72 -6.84 7.34 2.39
N ALA A 73 -7.59 6.53 1.66
CA ALA A 73 -8.50 5.55 2.26
C ALA A 73 -7.95 4.18 1.88
N LEU A 74 -7.67 3.33 2.87
CA LEU A 74 -7.18 1.98 2.60
C LEU A 74 -8.25 0.98 2.89
N ASP A 75 -8.38 0.00 2.02
CA ASP A 75 -9.33 -1.09 2.20
C ASP A 75 -8.62 -2.07 3.14
N VAL A 76 -9.25 -2.38 4.25
CA VAL A 76 -8.69 -3.25 5.26
C VAL A 76 -8.40 -4.72 4.87
N THR A 77 -9.14 -5.24 3.91
CA THR A 77 -8.95 -6.60 3.45
C THR A 77 -7.76 -6.82 2.50
N ASN A 78 -7.06 -5.75 2.10
CA ASN A 78 -5.90 -5.87 1.19
C ASN A 78 -4.86 -4.77 1.28
N ALA A 79 -5.13 -3.76 2.10
CA ALA A 79 -4.22 -2.61 2.29
C ALA A 79 -4.06 -1.74 1.04
N TYR A 80 -5.02 -1.89 0.12
CA TYR A 80 -5.09 -1.21 -1.14
C TYR A 80 -5.59 0.20 -0.90
N VAL A 81 -5.00 1.18 -1.60
CA VAL A 81 -5.43 2.59 -1.53
C VAL A 81 -6.62 2.69 -2.51
N VAL A 82 -7.80 3.00 -1.99
CA VAL A 82 -9.01 3.10 -2.81
C VAL A 82 -9.32 4.49 -3.30
N GLY A 83 -8.86 5.49 -2.57
CA GLY A 83 -9.09 6.85 -2.98
C GLY A 83 -8.56 7.81 -1.97
N TYR A 84 -8.78 9.10 -2.21
CA TYR A 84 -8.30 10.13 -1.31
C TYR A 84 -9.22 11.32 -1.28
N ARG A 85 -9.03 12.14 -0.26
CA ARG A 85 -9.79 13.34 -0.05
C ARG A 85 -8.78 14.51 0.06
N ALA A 86 -9.05 15.60 -0.67
CA ALA A 86 -8.19 16.76 -0.63
C ALA A 86 -9.09 17.96 -0.61
N GLY A 87 -9.18 18.59 0.55
CA GLY A 87 -10.05 19.74 0.66
C GLY A 87 -11.49 19.31 0.51
N ASN A 88 -12.17 19.90 -0.45
CA ASN A 88 -13.59 19.66 -0.69
C ASN A 88 -13.97 18.52 -1.62
N SER A 89 -12.98 17.95 -2.27
CA SER A 89 -13.22 16.88 -3.22
C SER A 89 -12.71 15.50 -2.79
N ALA A 90 -13.28 14.46 -3.41
CA ALA A 90 -12.93 13.09 -3.16
C ALA A 90 -12.79 12.39 -4.48
N TYR A 91 -11.72 11.62 -4.65
CA TYR A 91 -11.48 10.88 -5.87
C TYR A 91 -11.37 9.41 -5.51
N PHE A 92 -11.95 8.53 -6.32
CA PHE A 92 -11.91 7.08 -6.09
C PHE A 92 -11.49 6.35 -7.36
N PHE A 93 -10.63 5.35 -7.25
CA PHE A 93 -10.28 4.62 -8.46
C PHE A 93 -11.55 3.88 -8.85
N HIS A 94 -11.61 3.40 -10.10
CA HIS A 94 -12.77 2.67 -10.59
C HIS A 94 -12.93 1.35 -9.83
N PRO A 95 -14.08 1.17 -9.13
CA PRO A 95 -14.33 -0.06 -8.36
C PRO A 95 -14.34 -1.26 -9.30
N ASP A 96 -13.77 -2.40 -8.91
CA ASP A 96 -13.82 -3.51 -9.85
C ASP A 96 -14.99 -4.48 -9.65
N ASN A 97 -15.97 -4.07 -8.85
CA ASN A 97 -17.16 -4.91 -8.62
C ASN A 97 -18.22 -4.09 -7.89
N GLN A 98 -19.40 -4.66 -7.74
CA GLN A 98 -20.49 -3.95 -7.11
C GLN A 98 -20.39 -3.75 -5.60
N GLU A 99 -19.87 -4.73 -4.87
CA GLU A 99 -19.78 -4.56 -3.41
C GLU A 99 -18.84 -3.42 -3.14
N ASP A 100 -17.76 -3.38 -3.91
CA ASP A 100 -16.76 -2.35 -3.77
C ASP A 100 -17.31 -0.99 -4.18
N ALA A 101 -18.06 -0.93 -5.27
CA ALA A 101 -18.64 0.33 -5.69
C ALA A 101 -19.61 0.81 -4.60
N GLU A 102 -20.20 -0.13 -3.87
CA GLU A 102 -21.13 0.21 -2.80
C GLU A 102 -20.41 0.57 -1.50
N ALA A 103 -19.31 -0.12 -1.21
CA ALA A 103 -18.57 0.16 0.00
C ALA A 103 -17.99 1.57 0.04
N ILE A 104 -17.34 1.98 -1.04
CA ILE A 104 -16.73 3.30 -1.08
C ILE A 104 -17.73 4.43 -0.96
N THR A 105 -19.03 4.14 -1.00
CA THR A 105 -20.03 5.18 -0.84
C THR A 105 -20.13 5.62 0.62
N HIS A 106 -19.44 4.89 1.50
CA HIS A 106 -19.45 5.20 2.92
C HIS A 106 -18.27 6.05 3.33
N LEU A 107 -17.41 6.38 2.37
CA LEU A 107 -16.22 7.18 2.64
C LEU A 107 -16.36 8.64 2.26
N PHE A 108 -15.72 9.52 3.04
CA PHE A 108 -15.72 10.96 2.78
C PHE A 108 -17.11 11.40 2.37
N THR A 109 -18.09 10.96 3.14
CA THR A 109 -19.48 11.26 2.87
C THR A 109 -19.77 12.75 2.90
N ASP A 110 -18.94 13.50 3.64
CA ASP A 110 -19.13 14.94 3.78
C ASP A 110 -18.44 15.83 2.75
N VAL A 111 -17.60 15.25 1.88
CA VAL A 111 -16.95 16.06 0.86
C VAL A 111 -18.04 16.52 -0.09
N GLN A 112 -17.85 17.67 -0.71
CA GLN A 112 -18.89 18.19 -1.59
C GLN A 112 -18.78 17.71 -3.02
N ASN A 113 -17.59 17.31 -3.44
CA ASN A 113 -17.42 16.84 -4.80
C ASN A 113 -16.77 15.48 -4.77
N ARG A 114 -17.55 14.44 -5.10
CA ARG A 114 -17.05 13.07 -5.10
C ARG A 114 -16.92 12.68 -6.53
N TYR A 115 -15.71 12.27 -6.93
CA TYR A 115 -15.46 11.88 -8.31
C TYR A 115 -14.87 10.49 -8.30
N THR A 116 -15.17 9.74 -9.34
CA THR A 116 -14.70 8.39 -9.50
C THR A 116 -13.94 8.31 -10.83
N PHE A 117 -12.64 8.05 -10.75
CA PHE A 117 -11.83 7.94 -11.93
C PHE A 117 -12.39 6.83 -12.78
N ALA A 118 -12.02 6.83 -14.06
CA ALA A 118 -12.48 5.81 -14.99
C ALA A 118 -11.50 4.68 -15.04
N PHE A 119 -10.35 4.88 -14.42
CA PHE A 119 -9.29 3.88 -14.38
C PHE A 119 -9.15 3.36 -12.95
N GLY A 120 -8.58 2.16 -12.83
CA GLY A 120 -8.40 1.57 -11.52
C GLY A 120 -7.06 1.93 -10.98
N GLY A 121 -6.78 1.48 -9.78
CA GLY A 121 -5.53 1.81 -9.13
C GLY A 121 -4.43 0.80 -9.19
N ASN A 122 -4.49 -0.16 -10.10
CA ASN A 122 -3.41 -1.15 -10.18
C ASN A 122 -2.17 -0.53 -10.84
N TYR A 123 -1.02 -1.08 -10.56
CA TYR A 123 0.23 -0.55 -11.08
C TYR A 123 0.28 -0.44 -12.58
N ASP A 124 -0.15 -1.46 -13.30
CA ASP A 124 -0.11 -1.40 -14.76
C ASP A 124 -0.79 -0.18 -15.32
N ARG A 125 -2.00 0.08 -14.85
CA ARG A 125 -2.79 1.21 -15.29
C ARG A 125 -2.04 2.53 -15.00
N LEU A 126 -1.65 2.69 -13.75
CA LEU A 126 -0.97 3.86 -13.26
C LEU A 126 0.39 4.12 -13.90
N GLU A 127 1.12 3.07 -14.27
CA GLU A 127 2.44 3.27 -14.91
C GLU A 127 2.16 3.77 -16.32
N GLN A 128 1.08 3.29 -16.92
CA GLN A 128 0.66 3.71 -18.26
C GLN A 128 0.28 5.19 -18.28
N LEU A 129 -0.55 5.59 -17.31
CA LEU A 129 -0.98 6.98 -17.17
C LEU A 129 0.17 7.94 -16.81
N ALA A 130 1.19 7.44 -16.11
CA ALA A 130 2.34 8.25 -15.67
C ALA A 130 3.46 8.32 -16.66
N GLY A 131 3.47 7.38 -17.60
CA GLY A 131 4.51 7.36 -18.60
C GLY A 131 5.86 6.89 -18.12
N ASN A 132 5.91 6.20 -16.99
CA ASN A 132 7.16 5.67 -16.42
C ASN A 132 6.80 4.44 -15.63
N LEU A 133 7.77 3.54 -15.50
CA LEU A 133 7.59 2.30 -14.74
C LEU A 133 8.06 2.51 -13.30
N ARG A 134 7.71 1.59 -12.41
CA ARG A 134 8.09 1.64 -11.00
C ARG A 134 9.59 1.72 -10.84
N GLU A 135 10.30 0.98 -11.68
CA GLU A 135 11.76 0.96 -11.67
C GLU A 135 12.38 2.31 -11.94
N ASN A 136 11.59 3.24 -12.43
CA ASN A 136 12.08 4.58 -12.79
C ASN A 136 11.59 5.73 -11.93
N ILE A 137 10.58 5.50 -11.11
CA ILE A 137 10.04 6.56 -10.27
C ILE A 137 10.75 6.48 -8.90
N GLU A 138 11.44 7.57 -8.52
CA GLU A 138 12.19 7.62 -7.28
C GLU A 138 11.35 7.64 -6.03
N LEU A 139 11.86 6.97 -5.00
CA LEU A 139 11.21 6.88 -3.69
C LEU A 139 12.09 7.54 -2.64
N GLY A 140 11.43 8.11 -1.64
CA GLY A 140 12.15 8.79 -0.57
C GLY A 140 11.18 9.74 0.08
N ASN A 141 11.66 10.48 1.08
CA ASN A 141 10.78 11.42 1.75
C ASN A 141 10.46 12.61 0.83
N GLY A 142 11.47 13.06 0.06
CA GLY A 142 11.30 14.16 -0.89
C GLY A 142 10.21 13.84 -1.90
N PRO A 143 10.25 12.65 -2.53
CA PRO A 143 9.24 12.26 -3.51
C PRO A 143 7.84 12.18 -2.87
N LEU A 144 7.78 11.73 -1.61
CA LEU A 144 6.50 11.63 -0.93
C LEU A 144 5.93 13.04 -0.63
N GLU A 145 6.82 13.94 -0.21
CA GLU A 145 6.51 15.32 0.11
C GLU A 145 5.86 15.97 -1.12
N GLU A 146 6.46 15.72 -2.26
CA GLU A 146 5.96 16.25 -3.50
C GLU A 146 4.65 15.64 -3.92
N ALA A 147 4.47 14.34 -3.65
CA ALA A 147 3.24 13.64 -4.01
C ALA A 147 2.05 14.15 -3.25
N ILE A 148 2.24 14.57 -2.01
CA ILE A 148 1.13 15.08 -1.22
C ILE A 148 0.59 16.37 -1.84
N SER A 149 1.50 17.18 -2.39
CA SER A 149 1.16 18.46 -3.03
C SER A 149 0.51 18.19 -4.37
N ALA A 150 1.11 17.34 -5.19
CA ALA A 150 0.53 17.00 -6.48
C ALA A 150 -0.89 16.47 -6.30
N LEU A 151 -1.08 15.56 -5.35
CA LEU A 151 -2.40 14.99 -5.07
C LEU A 151 -3.34 16.09 -4.56
N TYR A 152 -2.80 16.97 -3.73
CA TYR A 152 -3.60 18.05 -3.19
C TYR A 152 -4.07 19.03 -4.28
N TYR A 153 -3.17 19.46 -5.18
CA TYR A 153 -3.47 20.42 -6.22
C TYR A 153 -4.23 19.85 -7.40
N TYR A 154 -4.46 18.55 -7.41
CA TYR A 154 -5.23 18.00 -8.50
C TYR A 154 -6.63 18.58 -8.32
N SER A 155 -7.05 18.66 -7.07
CA SER A 155 -8.38 19.16 -6.69
C SER A 155 -8.65 20.59 -7.09
N THR A 156 -7.60 21.34 -7.44
CA THR A 156 -7.70 22.74 -7.83
C THR A 156 -7.21 22.99 -9.27
N GLY A 157 -7.29 21.99 -10.14
CA GLY A 157 -6.84 22.19 -11.50
C GLY A 157 -5.33 22.31 -11.66
N GLY A 158 -4.62 22.33 -10.53
CA GLY A 158 -3.17 22.45 -10.56
C GLY A 158 -2.28 21.29 -11.01
N THR A 159 -2.72 20.05 -10.87
CA THR A 159 -1.89 18.91 -11.26
C THR A 159 -2.32 18.17 -12.53
N GLN A 160 -1.34 17.76 -13.33
CA GLN A 160 -1.61 17.06 -14.58
C GLN A 160 -1.80 15.56 -14.34
N LEU A 161 -2.56 14.92 -15.22
CA LEU A 161 -2.84 13.50 -15.10
C LEU A 161 -1.60 12.61 -14.84
N PRO A 162 -0.53 12.75 -15.64
CA PRO A 162 0.66 11.93 -15.43
C PRO A 162 1.36 12.11 -14.09
N THR A 163 1.16 13.28 -13.50
CA THR A 163 1.75 13.60 -12.21
C THR A 163 0.90 13.04 -11.07
N LEU A 164 -0.41 12.97 -11.31
CA LEU A 164 -1.34 12.39 -10.35
C LEU A 164 -0.98 10.89 -10.23
N ALA A 165 -0.83 10.22 -11.38
CA ALA A 165 -0.49 8.80 -11.44
C ALA A 165 0.85 8.49 -10.82
N ARG A 166 1.86 9.30 -11.13
CA ARG A 166 3.19 9.10 -10.57
C ARG A 166 3.15 9.24 -9.04
N SER A 167 2.33 10.17 -8.56
CA SER A 167 2.19 10.46 -7.13
C SER A 167 1.51 9.36 -6.33
N PHE A 168 0.57 8.66 -6.96
CA PHE A 168 -0.13 7.54 -6.36
C PHE A 168 0.85 6.38 -6.23
N ILE A 169 1.60 6.12 -7.31
CA ILE A 169 2.60 5.05 -7.35
C ILE A 169 3.58 5.18 -6.16
N ILE A 170 3.91 6.41 -5.82
CA ILE A 170 4.81 6.71 -4.73
C ILE A 170 4.13 6.43 -3.38
N CYS A 171 2.93 6.97 -3.21
CA CYS A 171 2.15 6.82 -1.99
C CYS A 171 1.84 5.38 -1.70
N ILE A 172 1.49 4.62 -2.72
CA ILE A 172 1.16 3.21 -2.54
C ILE A 172 2.37 2.34 -2.10
N GLN A 173 3.56 2.58 -2.66
CA GLN A 173 4.71 1.80 -2.27
C GLN A 173 5.24 2.19 -0.89
N MET A 174 5.13 3.47 -0.53
CA MET A 174 5.61 3.90 0.75
C MET A 174 4.64 3.67 1.89
N ILE A 175 3.40 3.36 1.58
CA ILE A 175 2.41 3.12 2.61
C ILE A 175 1.85 1.70 2.61
N SER A 176 1.15 1.32 1.55
CA SER A 176 0.61 -0.02 1.49
C SER A 176 1.64 -1.12 1.36
N GLU A 177 2.59 -0.93 0.45
CA GLU A 177 3.61 -1.93 0.23
C GLU A 177 4.56 -2.07 1.40
N ALA A 178 4.80 -0.98 2.10
CA ALA A 178 5.68 -0.99 3.25
C ALA A 178 5.02 -1.63 4.46
N ALA A 179 3.70 -1.54 4.51
CA ALA A 179 2.89 -2.12 5.57
C ALA A 179 2.80 -3.65 5.38
N ARG A 180 2.85 -4.10 4.14
CA ARG A 180 2.76 -5.52 3.83
C ARG A 180 4.07 -6.25 4.01
N PHE A 181 5.18 -5.61 3.64
CA PHE A 181 6.48 -6.24 3.72
C PHE A 181 7.46 -5.53 4.63
N GLN A 182 8.00 -6.24 5.61
CA GLN A 182 9.00 -5.62 6.50
C GLN A 182 10.20 -5.26 5.64
N TYR A 183 10.44 -6.07 4.61
CA TYR A 183 11.55 -5.84 3.68
C TYR A 183 11.47 -4.47 3.01
N ILE A 184 10.31 -4.16 2.45
CA ILE A 184 10.08 -2.91 1.77
C ILE A 184 10.06 -1.74 2.75
N GLU A 185 9.51 -1.92 3.93
CA GLU A 185 9.54 -0.83 4.90
C GLU A 185 10.98 -0.55 5.24
N GLY A 186 11.80 -1.60 5.23
CA GLY A 186 13.23 -1.47 5.53
C GLY A 186 13.96 -0.63 4.51
N GLU A 187 13.58 -0.76 3.24
CA GLU A 187 14.17 -0.01 2.15
C GLU A 187 13.82 1.49 2.25
N MET A 188 12.63 1.77 2.76
CA MET A 188 12.21 3.14 2.93
C MET A 188 12.98 3.77 4.07
N ARG A 189 13.08 3.08 5.20
CA ARG A 189 13.82 3.58 6.36
C ARG A 189 15.25 3.97 6.01
N THR A 190 15.85 3.24 5.10
CA THR A 190 17.21 3.54 4.65
C THR A 190 17.21 4.83 3.80
N ARG A 191 16.24 4.98 2.90
CA ARG A 191 16.17 6.17 2.08
C ARG A 191 16.06 7.37 3.00
N ILE A 192 15.18 7.28 3.99
CA ILE A 192 14.99 8.36 4.95
C ILE A 192 16.24 8.67 5.76
N ARG A 193 16.90 7.64 6.29
CA ARG A 193 18.10 7.85 7.09
C ARG A 193 19.22 8.62 6.36
N TYR A 194 19.47 8.28 5.12
CA TYR A 194 20.52 8.93 4.36
C TYR A 194 20.00 10.03 3.44
N ASN A 195 18.70 10.31 3.54
CA ASN A 195 18.05 11.32 2.73
C ASN A 195 18.26 11.03 1.24
N ARG A 196 18.29 9.76 0.90
CA ARG A 196 18.46 9.34 -0.47
C ARG A 196 17.08 9.40 -1.07
N ARG A 197 17.05 9.28 -2.38
CA ARG A 197 15.84 9.33 -3.15
C ARG A 197 16.25 8.41 -4.28
N SER A 198 15.64 7.24 -4.38
CA SER A 198 16.02 6.31 -5.41
C SER A 198 14.91 5.41 -5.83
N ALA A 199 15.00 4.95 -7.06
CA ALA A 199 13.99 4.06 -7.61
C ALA A 199 14.17 2.69 -6.93
N PRO A 200 13.08 1.92 -6.82
CA PRO A 200 13.19 0.60 -6.19
C PRO A 200 13.91 -0.42 -7.07
N ASP A 201 14.72 -1.28 -6.46
CA ASP A 201 15.44 -2.30 -7.21
C ASP A 201 14.52 -3.49 -7.46
N PRO A 202 15.00 -4.54 -8.18
CA PRO A 202 14.21 -5.74 -8.49
C PRO A 202 13.63 -6.49 -7.29
N SER A 203 14.33 -6.50 -6.16
CA SER A 203 13.80 -7.20 -5.00
C SER A 203 12.47 -6.58 -4.54
N VAL A 204 12.46 -5.27 -4.41
CA VAL A 204 11.26 -4.57 -4.01
C VAL A 204 10.12 -4.86 -4.99
N ILE A 205 10.36 -4.67 -6.28
CA ILE A 205 9.35 -4.88 -7.33
C ILE A 205 8.81 -6.30 -7.42
N THR A 206 9.68 -7.29 -7.32
CA THR A 206 9.21 -8.67 -7.37
C THR A 206 8.31 -8.96 -6.16
N LEU A 207 8.71 -8.51 -4.98
CA LEU A 207 7.87 -8.71 -3.79
C LEU A 207 6.51 -8.07 -3.98
N GLU A 208 6.49 -6.88 -4.58
CA GLU A 208 5.23 -6.18 -4.82
C GLU A 208 4.36 -6.99 -5.74
N ASN A 209 4.98 -7.52 -6.79
CA ASN A 209 4.28 -8.32 -7.77
C ASN A 209 3.77 -9.66 -7.23
N SER A 210 4.51 -10.24 -6.29
CA SER A 210 4.20 -11.54 -5.73
C SER A 210 3.38 -11.63 -4.46
N TRP A 211 2.98 -10.50 -3.88
CA TRP A 211 2.24 -10.53 -2.60
C TRP A 211 1.06 -11.51 -2.51
N GLY A 212 0.25 -11.56 -3.57
CA GLY A 212 -0.90 -12.46 -3.63
C GLY A 212 -0.56 -13.92 -3.82
N ARG A 213 0.49 -14.22 -4.58
CA ARG A 213 0.90 -15.59 -4.81
C ARG A 213 1.52 -16.13 -3.52
N LEU A 214 2.35 -15.32 -2.87
CA LEU A 214 2.98 -15.67 -1.60
C LEU A 214 1.93 -15.88 -0.52
N SER A 215 0.91 -15.05 -0.50
CA SER A 215 -0.15 -15.19 0.48
C SER A 215 -0.92 -16.49 0.25
N THR A 216 -1.02 -16.95 -0.98
CA THR A 216 -1.74 -18.18 -1.25
C THR A 216 -0.83 -19.38 -0.96
N ALA A 217 0.41 -19.31 -1.40
CA ALA A 217 1.37 -20.38 -1.21
C ALA A 217 1.56 -20.71 0.25
N ILE A 218 1.66 -19.66 1.07
CA ILE A 218 1.84 -19.84 2.51
C ILE A 218 0.59 -20.45 3.11
N GLN A 219 -0.57 -19.90 2.78
CA GLN A 219 -1.81 -20.38 3.32
C GLN A 219 -2.23 -21.78 2.89
N GLU A 220 -1.63 -22.27 1.81
CA GLU A 220 -1.95 -23.60 1.33
C GLU A 220 -0.76 -24.50 1.30
N SER A 221 0.22 -24.18 2.14
CA SER A 221 1.45 -24.95 2.24
C SER A 221 1.19 -26.17 3.12
N ASN A 222 2.02 -27.18 2.97
CA ASN A 222 1.95 -28.39 3.76
C ASN A 222 2.87 -28.21 4.93
N GLN A 223 2.35 -27.86 6.09
CA GLN A 223 3.20 -27.68 7.27
C GLN A 223 4.27 -26.61 7.02
N GLY A 224 3.98 -25.71 6.08
CA GLY A 224 4.90 -24.64 5.74
C GLY A 224 5.68 -24.87 4.47
N ALA A 225 5.54 -26.04 3.88
CA ALA A 225 6.27 -26.41 2.67
C ALA A 225 5.42 -26.07 1.48
N PHE A 226 6.01 -25.40 0.49
CA PHE A 226 5.27 -25.00 -0.72
C PHE A 226 5.27 -26.17 -1.68
N ALA A 227 4.13 -26.43 -2.31
CA ALA A 227 3.95 -27.50 -3.30
C ALA A 227 4.81 -27.27 -4.51
N SER A 228 4.97 -26.01 -4.86
CA SER A 228 5.81 -25.58 -5.98
C SER A 228 6.52 -24.29 -5.54
N PRO A 229 7.83 -24.19 -5.80
CA PRO A 229 8.56 -22.98 -5.39
C PRO A 229 8.17 -21.67 -6.06
N ILE A 230 8.41 -20.58 -5.38
CA ILE A 230 8.12 -19.28 -5.91
C ILE A 230 9.47 -18.62 -6.17
N GLN A 231 9.69 -18.13 -7.38
CA GLN A 231 10.95 -17.49 -7.72
C GLN A 231 10.89 -15.96 -7.49
N LEU A 232 11.83 -15.43 -6.72
CA LEU A 232 11.88 -14.01 -6.47
C LEU A 232 13.24 -13.50 -7.01
N GLN A 233 13.57 -12.23 -6.78
CA GLN A 233 14.86 -11.67 -7.23
C GLN A 233 15.59 -10.96 -6.12
N ARG A 234 16.91 -11.01 -6.17
CA ARG A 234 17.72 -10.35 -5.17
C ARG A 234 17.96 -8.92 -5.67
N ARG A 235 18.41 -8.04 -4.80
CA ARG A 235 18.64 -6.64 -5.18
C ARG A 235 19.48 -6.50 -6.44
N ASN A 236 20.37 -7.47 -6.66
CA ASN A 236 21.26 -7.46 -7.81
C ASN A 236 20.64 -8.14 -9.04
N GLY A 237 19.33 -8.31 -9.02
CA GLY A 237 18.63 -8.92 -10.14
C GLY A 237 18.66 -10.43 -10.29
N SER A 238 19.43 -11.14 -9.48
CA SER A 238 19.48 -12.60 -9.59
C SER A 238 18.31 -13.31 -8.91
N LYS A 239 17.81 -14.33 -9.59
CA LYS A 239 16.68 -15.16 -9.16
C LYS A 239 16.97 -15.92 -7.88
N PHE A 240 15.94 -16.17 -7.10
CA PHE A 240 16.16 -16.85 -5.85
C PHE A 240 14.85 -17.52 -5.51
N SER A 241 14.88 -18.85 -5.46
CA SER A 241 13.70 -19.66 -5.15
C SER A 241 13.32 -19.80 -3.67
N VAL A 242 12.02 -19.74 -3.41
CA VAL A 242 11.46 -19.87 -2.08
C VAL A 242 10.69 -21.21 -2.06
N TYR A 243 11.01 -22.04 -1.08
CA TYR A 243 10.40 -23.35 -0.94
C TYR A 243 9.65 -23.52 0.37
N ASP A 244 9.95 -22.64 1.32
CA ASP A 244 9.36 -22.71 2.63
C ASP A 244 8.98 -21.31 3.14
N VAL A 245 7.96 -21.25 3.99
CA VAL A 245 7.50 -19.98 4.56
C VAL A 245 8.52 -19.44 5.56
N SER A 246 9.49 -20.28 5.93
CA SER A 246 10.46 -19.87 6.93
C SER A 246 11.29 -18.67 6.52
N ILE A 247 11.83 -18.70 5.31
CA ILE A 247 12.64 -17.58 4.86
C ILE A 247 11.86 -16.28 4.68
N LEU A 248 10.55 -16.37 4.60
CA LEU A 248 9.72 -15.20 4.44
C LEU A 248 9.23 -14.58 5.74
N ILE A 249 9.32 -15.32 6.84
CA ILE A 249 8.81 -14.78 8.10
C ILE A 249 9.30 -13.38 8.42
N PRO A 250 10.59 -13.10 8.19
CA PRO A 250 11.08 -11.74 8.46
C PRO A 250 10.95 -10.75 7.26
N ILE A 251 10.30 -11.19 6.19
CA ILE A 251 10.16 -10.41 4.98
C ILE A 251 8.75 -9.88 4.73
N ILE A 252 7.78 -10.76 4.93
CA ILE A 252 6.39 -10.41 4.74
C ILE A 252 5.73 -10.19 6.09
N ALA A 253 5.05 -9.06 6.19
CA ALA A 253 4.36 -8.62 7.40
C ALA A 253 2.85 -8.92 7.46
N LEU A 254 2.16 -8.94 6.34
CA LEU A 254 0.72 -9.16 6.34
C LEU A 254 0.42 -9.95 5.12
N MET A 255 -0.65 -10.74 5.19
CA MET A 255 -1.09 -11.54 4.06
C MET A 255 -2.56 -11.26 3.76
N VAL A 256 -2.94 -11.28 2.49
CA VAL A 256 -4.34 -11.10 2.14
C VAL A 256 -5.04 -12.45 2.43
N TYR A 257 -6.27 -12.44 2.93
CA TYR A 257 -6.98 -13.69 3.24
C TYR A 257 -7.29 -14.53 1.99
N ARG A 258 -6.66 -15.71 1.90
CA ARG A 258 -6.84 -16.58 0.76
C ARG A 258 -7.70 -17.77 1.09
N CYS A 259 -7.53 -18.31 2.29
CA CYS A 259 -8.33 -19.43 2.74
C CYS A 259 -8.31 -19.59 4.25
N ALA A 260 -9.29 -20.36 4.73
CA ALA A 260 -9.43 -20.66 6.16
C ALA A 260 -8.29 -21.56 6.58
N PRO A 261 -7.84 -21.46 7.83
CA PRO A 261 -6.74 -22.34 8.20
C PRO A 261 -7.24 -23.76 8.50
N PRO A 262 -6.50 -24.78 8.07
CA PRO A 262 -6.89 -26.16 8.31
C PRO A 262 -6.73 -26.49 9.80
N PRO A 263 -7.31 -27.61 10.26
CA PRO A 263 -7.18 -27.97 11.67
C PRO A 263 -5.71 -28.26 12.06
#